data_4Y48
#
_entry.id   4Y48
#
_cell.length_a   45.177
_cell.length_b   73.519
_cell.length_c   53.097
_cell.angle_alpha   90.00
_cell.angle_beta   109.44
_cell.angle_gamma   90.00
#
_symmetry.space_group_name_H-M   'P 1 21 1'
#
loop_
_entity.id
_entity.type
_entity.pdbx_description
1 polymer Endothiapepsin
2 non-polymer GLYCEROL
3 non-polymer 'ACETATE ION'
4 non-polymer 'DIMETHYL SULFOXIDE'
5 non-polymer GLYCINE
6 non-polymer PROLINE
7 water water
#
_entity_poly.entity_id   1
_entity_poly.type   'polypeptide(L)'
_entity_poly.pdbx_seq_one_letter_code
;STGSATTTPIDSLDDAYITPVQIGTPAQTLNLDFDTGSSDLWVFSSETTASEVDGQTIYTPSKSTTAKLLSGATWSISYG
DGSSSSGDVYTDTVSVGGLTVTGQAVESAKKVSSSFTEDSTIDGLLGLAFSTLNTVSPTQQKTFFDNAKASLDSPVFTAD
LGYHAPGTYNFGFIDTTAYTGSITYTAVSTKQGFWEWTSTGYAVGSGTFKSTSIDGIADTGTTLLYLPATVVSAYWAQVS
GAKSSSSVGGYVFPCSATLPSFTFGVGSARIVIPGDYIDFGPISTGSSSCFGGIQSSAGIGINIFGDVALKAAFVVFNGA
TTPTLGFASK
;
_entity_poly.pdbx_strand_id   A
#
# COMPACT_ATOMS: atom_id res chain seq x y z
N SER A 1 -6.91 7.56 22.03
CA SER A 1 -7.86 7.56 20.89
CA SER A 1 -7.94 7.46 20.97
C SER A 1 -7.59 6.37 19.99
N THR A 2 -8.57 6.05 19.15
CA THR A 2 -8.41 5.05 18.10
C THR A 2 -9.20 5.50 16.87
N GLY A 3 -8.94 4.84 15.74
CA GLY A 3 -9.76 4.99 14.54
C GLY A 3 -9.92 3.63 13.90
N SER A 4 -10.98 3.46 13.13
CA SER A 4 -11.23 2.23 12.39
C SER A 4 -12.01 2.56 11.14
N ALA A 5 -11.46 2.23 9.97
CA ALA A 5 -12.08 2.56 8.69
C ALA A 5 -12.04 1.36 7.75
N THR A 6 -13.14 1.15 7.04
CA THR A 6 -13.18 0.11 6.04
C THR A 6 -12.46 0.54 4.78
N THR A 7 -11.71 -0.39 4.21
CA THR A 7 -11.00 -0.18 2.95
C THR A 7 -11.56 -1.14 1.90
N THR A 8 -11.77 -0.64 0.69
CA THR A 8 -12.53 -1.36 -0.35
C THR A 8 -11.72 -1.43 -1.65
N PRO A 9 -11.62 -2.62 -2.26
CA PRO A 9 -10.93 -2.69 -3.56
C PRO A 9 -11.57 -1.76 -4.60
N ILE A 10 -10.75 -1.17 -5.45
CA ILE A 10 -11.24 -0.26 -6.46
C ILE A 10 -11.85 -0.96 -7.67
N ASP A 11 -11.51 -2.24 -7.85
CA ASP A 11 -11.94 -2.97 -9.03
C ASP A 11 -11.90 -4.46 -8.76
N SER A 12 -12.23 -5.27 -9.76
CA SER A 12 -12.39 -6.69 -9.57
C SER A 12 -11.07 -7.45 -9.40
N LEU A 13 -9.95 -6.76 -9.62
CA LEU A 13 -8.61 -7.35 -9.53
C LEU A 13 -7.89 -6.95 -8.24
N ASP A 14 -8.54 -6.20 -7.35
CA ASP A 14 -7.88 -5.68 -6.15
C ASP A 14 -6.63 -4.89 -6.56
N ASP A 15 -6.74 -4.05 -7.57
CA ASP A 15 -5.57 -3.28 -8.01
C ASP A 15 -5.08 -2.29 -6.96
N ALA A 16 -6.01 -1.78 -6.16
CA ALA A 16 -5.72 -0.86 -5.06
C ALA A 16 -6.97 -0.86 -4.18
N TYR A 17 -6.84 -0.21 -3.03
CA TYR A 17 -7.91 -0.11 -2.06
C TYR A 17 -8.10 1.34 -1.69
N ILE A 18 -9.36 1.74 -1.51
CA ILE A 18 -9.71 3.10 -1.11
C ILE A 18 -10.42 3.12 0.23
N THR A 19 -10.10 4.15 1.01
CA THR A 19 -10.59 4.30 2.34
C THR A 19 -11.14 5.73 2.45
N PRO A 20 -12.38 5.90 2.97
CA PRO A 20 -12.92 7.26 3.08
C PRO A 20 -12.23 8.07 4.19
N VAL A 21 -11.95 9.32 3.87
CA VAL A 21 -11.24 10.23 4.77
C VAL A 21 -12.00 11.56 4.79
N GLN A 22 -12.23 12.09 5.98
CA GLN A 22 -12.91 13.38 6.12
C GLN A 22 -11.87 14.48 6.24
N ILE A 23 -11.97 15.49 5.39
CA ILE A 23 -11.05 16.61 5.39
C ILE A 23 -11.82 17.91 5.49
N GLY A 24 -11.41 18.76 6.43
CA GLY A 24 -11.98 20.09 6.51
C GLY A 24 -13.28 20.21 7.30
N THR A 25 -13.77 21.44 7.37
CA THR A 25 -14.97 21.75 8.14
C THR A 25 -15.89 22.68 7.34
N PRO A 26 -17.14 22.27 7.08
CA PRO A 26 -17.69 20.91 7.29
C PRO A 26 -16.88 19.85 6.50
N ALA A 27 -17.04 18.60 6.88
CA ALA A 27 -16.26 17.54 6.28
C ALA A 27 -16.47 17.45 4.79
N GLN A 28 -15.35 17.26 4.08
CA GLN A 28 -15.33 16.84 2.69
C GLN A 28 -14.79 15.41 2.70
N THR A 29 -15.56 14.45 2.22
CA THR A 29 -15.11 13.06 2.24
C THR A 29 -14.50 12.70 0.90
N LEU A 30 -13.24 12.29 0.93
CA LEU A 30 -12.48 11.84 -0.25
C LEU A 30 -12.05 10.38 -0.01
N ASN A 31 -11.99 9.60 -1.08
CA ASN A 31 -11.57 8.21 -1.01
C ASN A 31 -10.11 8.11 -1.37
N LEU A 32 -9.29 7.86 -0.35
CA LEU A 32 -7.84 7.87 -0.51
C LEU A 32 -7.24 6.46 -0.53
N ASP A 33 -6.12 6.38 -1.22
CA ASP A 33 -5.33 5.14 -1.31
C ASP A 33 -4.27 5.19 -0.21
N PHE A 34 -4.45 4.39 0.84
CA PHE A 34 -3.54 4.38 1.98
C PHE A 34 -2.28 3.61 1.57
N ASP A 35 -1.13 4.28 1.64
CA ASP A 35 0.08 3.79 1.00
C ASP A 35 1.23 3.72 2.02
N THR A 36 1.51 2.54 2.55
CA THR A 36 2.62 2.36 3.48
C THR A 36 4.01 2.47 2.83
N GLY A 37 4.06 2.69 1.51
CA GLY A 37 5.30 2.92 0.79
C GLY A 37 5.58 4.38 0.43
N SER A 38 4.81 5.32 0.95
CA SER A 38 5.12 6.75 0.74
C SER A 38 4.60 7.54 1.91
N SER A 39 4.86 8.85 1.92
CA SER A 39 4.72 9.66 3.13
C SER A 39 4.09 11.00 2.87
N ASP A 40 3.33 11.10 1.78
CA ASP A 40 2.60 12.33 1.46
C ASP A 40 1.09 12.05 1.46
N LEU A 41 0.32 12.95 2.05
CA LEU A 41 -1.12 12.94 1.99
C LEU A 41 -1.47 14.01 0.97
N TRP A 42 -1.84 13.57 -0.24
CA TRP A 42 -2.17 14.50 -1.32
C TRP A 42 -3.53 14.16 -1.90
N VAL A 43 -4.19 15.21 -2.39
CA VAL A 43 -5.55 15.10 -2.89
C VAL A 43 -5.74 15.83 -4.21
N PHE A 44 -6.64 15.30 -5.03
CA PHE A 44 -7.24 16.08 -6.08
C PHE A 44 -7.96 17.28 -5.41
N SER A 45 -7.92 18.43 -6.06
CA SER A 45 -8.42 19.63 -5.43
C SER A 45 -8.98 20.62 -6.43
N SER A 46 -9.54 21.70 -5.90
CA SER A 46 -9.98 22.80 -6.75
C SER A 46 -8.84 23.48 -7.49
N GLU A 47 -7.59 23.15 -7.14
CA GLU A 47 -6.42 23.67 -7.85
C GLU A 47 -5.91 22.73 -8.94
N THR A 48 -6.41 21.50 -9.01
CA THR A 48 -5.90 20.54 -9.99
C THR A 48 -6.27 20.95 -11.41
N THR A 49 -5.26 21.01 -12.28
CA THR A 49 -5.45 21.31 -13.71
C THR A 49 -6.69 20.59 -14.22
N ALA A 50 -7.63 21.35 -14.79
CA ALA A 50 -8.96 20.82 -15.08
C ALA A 50 -8.91 19.60 -16.01
N SER A 51 -8.04 19.66 -17.00
CA SER A 51 -7.93 18.58 -17.98
C SER A 51 -7.38 17.29 -17.37
N GLU A 52 -6.86 17.38 -16.15
CA GLU A 52 -6.26 16.22 -15.47
C GLU A 52 -7.20 15.60 -14.43
N VAL A 53 -8.42 16.13 -14.35
CA VAL A 53 -9.45 15.62 -13.45
C VAL A 53 -10.52 14.95 -14.29
N ASP A 54 -10.86 13.72 -13.94
CA ASP A 54 -11.87 12.96 -14.68
CA ASP A 54 -11.85 12.95 -14.67
C ASP A 54 -12.66 12.07 -13.72
N GLY A 55 -13.57 12.68 -13.00
CA GLY A 55 -14.47 11.95 -12.14
C GLY A 55 -14.10 11.88 -10.68
N GLN A 56 -12.89 12.30 -10.31
CA GLN A 56 -12.51 12.30 -8.90
C GLN A 56 -13.31 13.32 -8.10
N THR A 57 -13.50 13.05 -6.82
CA THR A 57 -13.99 14.06 -5.89
C THR A 57 -12.81 14.91 -5.44
N ILE A 58 -13.00 16.23 -5.47
CA ILE A 58 -11.95 17.16 -5.12
C ILE A 58 -12.15 17.80 -3.75
N TYR A 59 -11.03 18.12 -3.11
CA TYR A 59 -10.98 18.94 -1.92
C TYR A 59 -10.97 20.41 -2.33
N THR A 60 -11.85 21.19 -1.73
CA THR A 60 -11.92 22.62 -2.01
C THR A 60 -11.59 23.38 -0.72
N PRO A 61 -10.34 23.83 -0.57
CA PRO A 61 -9.98 24.44 0.72
C PRO A 61 -10.78 25.71 1.02
N SER A 62 -11.21 26.45 0.01
CA SER A 62 -11.96 27.69 0.26
C SER A 62 -13.31 27.44 0.90
N LYS A 63 -13.80 26.19 0.86
CA LYS A 63 -15.06 25.83 1.50
C LYS A 63 -14.88 25.25 2.90
N SER A 64 -13.64 25.17 3.36
CA SER A 64 -13.31 24.67 4.69
C SER A 64 -12.94 25.82 5.64
N THR A 65 -13.68 25.96 6.73
CA THR A 65 -13.39 27.02 7.69
C THR A 65 -12.08 26.79 8.48
N THR A 66 -11.53 25.59 8.39
CA THR A 66 -10.33 25.23 9.15
C THR A 66 -9.08 25.11 8.25
N ALA A 67 -9.23 25.33 6.95
CA ALA A 67 -8.10 25.24 6.00
C ALA A 67 -7.26 26.50 6.11
N LYS A 68 -5.95 26.34 6.04
CA LYS A 68 -5.01 27.45 6.00
C LYS A 68 -3.92 27.12 4.99
N LEU A 69 -3.62 28.03 4.08
CA LEU A 69 -2.51 27.84 3.17
C LEU A 69 -1.22 27.72 3.97
N LEU A 70 -0.39 26.74 3.66
CA LEU A 70 0.93 26.64 4.26
C LEU A 70 1.87 27.42 3.33
N SER A 71 2.01 28.71 3.61
CA SER A 71 2.61 29.65 2.68
C SER A 71 4.01 29.24 2.25
N GLY A 72 4.23 29.21 0.93
CA GLY A 72 5.53 28.93 0.37
C GLY A 72 5.87 27.47 0.19
N ALA A 73 5.04 26.57 0.72
CA ALA A 73 5.35 25.15 0.68
C ALA A 73 4.89 24.52 -0.63
N THR A 74 5.73 23.69 -1.21
CA THR A 74 5.36 22.95 -2.39
C THR A 74 5.76 21.49 -2.21
N TRP A 75 5.26 20.63 -3.10
CA TRP A 75 5.58 19.21 -3.03
C TRP A 75 5.60 18.64 -4.43
N SER A 76 6.32 17.55 -4.59
CA SER A 76 6.44 16.89 -5.87
C SER A 76 6.94 15.47 -5.62
N ILE A 77 6.22 14.49 -6.13
CA ILE A 77 6.51 13.11 -5.85
C ILE A 77 6.43 12.27 -7.11
N SER A 78 7.31 11.27 -7.19
CA SER A 78 7.20 10.25 -8.22
CA SER A 78 7.30 10.26 -8.23
C SER A 78 7.25 8.89 -7.57
N TYR A 79 6.44 8.00 -8.10
CA TYR A 79 6.27 6.68 -7.52
C TYR A 79 6.97 5.63 -8.37
N GLY A 80 7.07 4.43 -7.80
CA GLY A 80 7.82 3.35 -8.43
C GLY A 80 7.25 2.92 -9.78
N ASP A 81 5.97 3.18 -10.00
CA ASP A 81 5.35 2.86 -11.29
C ASP A 81 5.49 3.96 -12.35
N GLY A 82 6.24 5.01 -12.04
CA GLY A 82 6.44 6.11 -12.96
C GLY A 82 5.41 7.22 -12.89
N SER A 83 4.37 7.05 -12.08
CA SER A 83 3.37 8.09 -11.91
C SER A 83 3.91 9.20 -11.01
N SER A 84 3.24 10.34 -11.02
CA SER A 84 3.72 11.51 -10.30
C SER A 84 2.60 12.52 -10.08
N SER A 85 2.84 13.44 -9.15
CA SER A 85 1.91 14.52 -8.86
C SER A 85 2.69 15.60 -8.10
N SER A 86 2.15 16.82 -8.10
CA SER A 86 2.83 17.94 -7.43
C SER A 86 1.84 19.04 -7.15
N GLY A 87 2.20 19.96 -6.26
CA GLY A 87 1.34 21.09 -5.99
C GLY A 87 1.77 21.92 -4.80
N ASP A 88 0.77 22.47 -4.12
N ASP A 88 0.78 22.49 -4.12
CA ASP A 88 0.98 23.33 -2.94
CA ASP A 88 1.02 23.29 -2.93
C ASP A 88 0.37 22.63 -1.73
C ASP A 88 0.32 22.64 -1.73
N VAL A 89 0.32 23.31 -0.59
CA VAL A 89 -0.02 22.67 0.68
C VAL A 89 -0.88 23.55 1.55
N TYR A 90 -1.89 22.90 2.15
CA TYR A 90 -2.77 23.48 3.16
C TYR A 90 -2.58 22.70 4.44
N THR A 91 -2.91 23.32 5.57
CA THR A 91 -3.16 22.53 6.77
C THR A 91 -4.66 22.50 7.01
N ASP A 92 -5.18 21.38 7.50
CA ASP A 92 -6.59 21.27 7.79
C ASP A 92 -6.79 20.12 8.78
N THR A 93 -8.02 19.96 9.26
CA THR A 93 -8.42 18.87 10.12
C THR A 93 -8.72 17.65 9.25
N VAL A 94 -8.14 16.51 9.60
CA VAL A 94 -8.31 15.27 8.86
C VAL A 94 -8.72 14.18 9.82
N SER A 95 -9.79 13.46 9.46
CA SER A 95 -10.28 12.34 10.30
C SER A 95 -10.37 11.06 9.49
N VAL A 96 -9.90 9.98 10.10
CA VAL A 96 -9.96 8.65 9.50
C VAL A 96 -10.64 7.72 10.50
N GLY A 97 -11.81 7.21 10.14
CA GLY A 97 -12.45 6.22 10.99
C GLY A 97 -12.72 6.72 12.39
N GLY A 98 -13.02 8.01 12.54
CA GLY A 98 -13.27 8.58 13.85
C GLY A 98 -12.07 9.17 14.59
N LEU A 99 -10.88 8.98 14.05
CA LEU A 99 -9.66 9.51 14.64
C LEU A 99 -9.32 10.82 13.95
N THR A 100 -9.20 11.91 14.72
CA THR A 100 -9.04 13.24 14.17
C THR A 100 -7.66 13.81 14.48
N VAL A 101 -7.03 14.36 13.46
CA VAL A 101 -5.79 15.12 13.59
C VAL A 101 -6.04 16.55 13.13
N THR A 102 -5.67 17.49 13.96
CA THR A 102 -5.71 18.89 13.55
C THR A 102 -4.34 19.31 13.02
N GLY A 103 -4.35 20.27 12.12
CA GLY A 103 -3.10 20.80 11.57
C GLY A 103 -2.36 19.81 10.67
N GLN A 104 -3.07 18.87 10.08
CA GLN A 104 -2.46 17.94 9.13
C GLN A 104 -2.10 18.65 7.82
N ALA A 105 -0.91 18.39 7.28
CA ALA A 105 -0.58 18.87 5.95
C ALA A 105 -1.37 18.08 4.91
N VAL A 106 -2.20 18.81 4.18
CA VAL A 106 -3.00 18.29 3.06
C VAL A 106 -2.41 18.89 1.80
N GLU A 107 -1.77 18.04 1.02
CA GLU A 107 -1.04 18.49 -0.17
C GLU A 107 -2.01 18.51 -1.34
N SER A 108 -2.23 19.71 -1.88
CA SER A 108 -3.20 19.92 -2.93
C SER A 108 -2.52 19.79 -4.28
N ALA A 109 -3.00 18.88 -5.12
CA ALA A 109 -2.39 18.68 -6.42
C ALA A 109 -2.76 19.79 -7.38
N LYS A 110 -1.72 20.38 -7.98
CA LYS A 110 -1.91 21.22 -9.17
C LYS A 110 -1.78 20.42 -10.45
N LYS A 111 -0.95 19.38 -10.43
CA LYS A 111 -0.72 18.52 -11.59
C LYS A 111 -0.67 17.08 -11.12
N VAL A 112 -1.22 16.17 -11.93
CA VAL A 112 -1.13 14.74 -11.67
C VAL A 112 -0.84 14.07 -13.01
N SER A 113 -0.18 12.93 -12.98
CA SER A 113 0.13 12.22 -14.22
C SER A 113 -1.08 11.41 -14.68
N SER A 114 -1.00 10.89 -15.89
CA SER A 114 -2.13 10.30 -16.57
C SER A 114 -2.75 9.13 -15.81
N SER A 115 -1.94 8.29 -15.16
CA SER A 115 -2.49 7.14 -14.43
CA SER A 115 -2.47 7.14 -14.42
C SER A 115 -3.41 7.58 -13.29
N PHE A 116 -3.11 8.71 -12.68
CA PHE A 116 -4.03 9.23 -11.65
C PHE A 116 -5.31 9.77 -12.29
N THR A 117 -5.19 10.55 -13.36
CA THR A 117 -6.37 11.08 -14.03
C THR A 117 -7.32 9.95 -14.46
N GLU A 118 -6.74 8.90 -15.02
CA GLU A 118 -7.50 7.76 -15.54
C GLU A 118 -8.15 6.91 -14.47
N ASP A 119 -7.73 7.04 -13.22
CA ASP A 119 -8.35 6.30 -12.15
C ASP A 119 -9.33 7.15 -11.36
N SER A 120 -10.56 7.14 -11.82
CA SER A 120 -11.61 7.99 -11.26
C SER A 120 -11.99 7.63 -9.84
N THR A 121 -11.61 6.44 -9.38
CA THR A 121 -11.96 5.96 -8.03
C THR A 121 -11.03 6.44 -6.92
N ILE A 122 -9.86 6.96 -7.29
CA ILE A 122 -8.86 7.35 -6.31
C ILE A 122 -8.76 8.87 -6.26
N ASP A 123 -9.13 9.46 -5.11
CA ASP A 123 -9.17 10.90 -4.97
C ASP A 123 -7.87 11.48 -4.38
N GLY A 124 -6.88 10.61 -4.13
CA GLY A 124 -5.62 10.98 -3.59
C GLY A 124 -5.01 9.84 -2.81
N LEU A 125 -3.86 10.12 -2.19
CA LEU A 125 -3.10 9.14 -1.42
C LEU A 125 -2.91 9.62 0.01
N LEU A 126 -2.85 8.67 0.93
CA LEU A 126 -2.52 8.98 2.31
C LEU A 126 -1.31 8.12 2.68
N GLY A 127 -0.14 8.75 2.78
CA GLY A 127 1.10 8.05 3.02
C GLY A 127 1.27 7.63 4.47
N LEU A 128 1.76 6.40 4.66
CA LEU A 128 1.95 5.80 5.98
C LEU A 128 3.35 5.23 6.19
N ALA A 129 4.28 5.57 5.29
CA ALA A 129 5.71 5.28 5.54
C ALA A 129 6.26 6.32 6.53
N PHE A 130 7.57 6.35 6.71
CA PHE A 130 8.15 7.26 7.69
C PHE A 130 8.23 8.69 7.16
N SER A 131 8.08 9.66 8.05
CA SER A 131 7.95 11.06 7.61
C SER A 131 9.21 11.61 6.95
N THR A 132 10.35 10.94 7.14
CA THR A 132 11.58 11.32 6.44
C THR A 132 11.46 11.23 4.91
N LEU A 133 10.45 10.53 4.38
CA LEU A 133 10.22 10.48 2.94
C LEU A 133 9.29 11.58 2.44
N ASN A 134 8.70 12.37 3.33
CA ASN A 134 7.72 13.35 2.90
C ASN A 134 8.39 14.38 1.97
N THR A 135 7.71 14.77 0.88
CA THR A 135 8.36 15.61 -0.15
C THR A 135 8.13 17.12 -0.02
N VAL A 136 7.43 17.56 1.01
CA VAL A 136 7.14 19.00 1.11
C VAL A 136 8.43 19.77 1.38
N SER A 137 8.59 20.88 0.64
CA SER A 137 9.73 21.76 0.72
C SER A 137 9.20 23.19 0.91
N PRO A 138 9.90 24.03 1.69
CA PRO A 138 11.19 23.79 2.34
C PRO A 138 11.10 23.20 3.73
N THR A 139 9.87 22.97 4.21
CA THR A 139 9.63 22.45 5.55
C THR A 139 8.92 21.11 5.44
N GLN A 140 9.65 20.02 5.67
CA GLN A 140 9.10 18.68 5.55
C GLN A 140 7.96 18.50 6.54
N GLN A 141 6.92 17.75 6.14
CA GLN A 141 5.73 17.56 6.96
C GLN A 141 5.59 16.13 7.45
N LYS A 142 4.81 15.98 8.51
CA LYS A 142 4.54 14.69 9.12
C LYS A 142 3.34 13.98 8.50
N THR A 143 3.40 12.66 8.49
CA THR A 143 2.26 11.85 8.05
C THR A 143 1.12 11.93 9.06
N PHE A 144 -0.05 11.52 8.59
CA PHE A 144 -1.22 11.41 9.45
C PHE A 144 -0.93 10.55 10.67
N PHE A 145 -0.26 9.42 10.46
CA PHE A 145 0.06 8.53 11.57
C PHE A 145 1.01 9.16 12.56
N ASP A 146 2.06 9.84 12.07
CA ASP A 146 3.01 10.54 12.91
CA ASP A 146 2.98 10.48 13.01
C ASP A 146 2.30 11.59 13.78
N ASN A 147 1.43 12.36 13.15
CA ASN A 147 0.69 13.36 13.90
C ASN A 147 -0.29 12.76 14.93
N ALA A 148 -0.91 11.63 14.58
CA ALA A 148 -1.87 10.98 15.45
C ALA A 148 -1.26 10.30 16.65
N LYS A 149 0.01 9.93 16.53
CA LYS A 149 0.63 8.97 17.43
C LYS A 149 0.48 9.23 18.90
N ALA A 150 0.71 10.47 19.29
CA ALA A 150 0.71 10.83 20.69
C ALA A 150 -0.67 10.68 21.28
N SER A 151 -1.72 10.80 20.46
CA SER A 151 -3.10 10.66 20.94
CA SER A 151 -3.10 10.66 20.95
C SER A 151 -3.57 9.20 20.96
N LEU A 152 -2.90 8.35 20.21
CA LEU A 152 -3.31 6.95 20.09
C LEU A 152 -3.12 6.15 21.37
N ASP A 153 -4.03 5.22 21.62
CA ASP A 153 -3.90 4.31 22.75
C ASP A 153 -2.60 3.54 22.70
N SER A 154 -2.21 3.14 21.51
N SER A 154 -2.23 3.12 21.50
CA SER A 154 -0.97 2.39 21.25
CA SER A 154 -0.96 2.47 21.26
C SER A 154 -0.45 2.91 19.92
C SER A 154 -0.44 2.95 19.92
N PRO A 155 0.89 3.02 19.75
CA PRO A 155 1.46 3.68 18.57
C PRO A 155 1.54 2.74 17.35
N VAL A 156 0.39 2.26 16.91
CA VAL A 156 0.30 1.23 15.89
C VAL A 156 -0.81 1.54 14.93
N PHE A 157 -0.70 1.00 13.73
CA PHE A 157 -1.85 0.85 12.86
C PHE A 157 -1.81 -0.54 12.27
N THR A 158 -2.95 -1.05 11.83
CA THR A 158 -3.01 -2.38 11.24
C THR A 158 -3.68 -2.34 9.88
N ALA A 159 -3.19 -3.19 8.96
CA ALA A 159 -3.75 -3.36 7.63
C ALA A 159 -4.33 -4.76 7.53
N ASP A 160 -5.62 -4.84 7.21
CA ASP A 160 -6.34 -6.11 7.04
C ASP A 160 -7.06 -6.05 5.71
N LEU A 161 -6.31 -6.27 4.62
CA LEU A 161 -6.83 -6.14 3.29
C LEU A 161 -7.57 -7.40 2.87
N GLY A 162 -8.69 -7.21 2.16
CA GLY A 162 -9.49 -8.32 1.67
C GLY A 162 -9.10 -8.83 0.32
N TYR A 163 -9.39 -10.10 0.07
CA TYR A 163 -9.30 -10.68 -1.27
C TYR A 163 -10.67 -10.56 -1.90
N HIS A 164 -10.77 -9.71 -2.91
CA HIS A 164 -12.07 -9.46 -3.56
C HIS A 164 -13.16 -9.09 -2.57
N ALA A 165 -12.80 -8.32 -1.56
CA ALA A 165 -13.73 -8.01 -0.48
C ALA A 165 -13.18 -6.83 0.30
N PRO A 166 -14.05 -6.09 0.99
CA PRO A 166 -13.55 -5.04 1.88
C PRO A 166 -12.72 -5.59 3.03
N GLY A 167 -11.91 -4.70 3.61
CA GLY A 167 -11.12 -4.97 4.78
C GLY A 167 -11.09 -3.74 5.64
N THR A 168 -10.06 -3.62 6.47
CA THR A 168 -10.03 -2.61 7.53
C THR A 168 -8.62 -2.07 7.76
N TYR A 169 -8.53 -0.75 7.97
CA TYR A 169 -7.39 -0.10 8.59
C TYR A 169 -7.78 0.40 9.98
N ASN A 170 -7.07 -0.08 10.98
CA ASN A 170 -7.28 0.37 12.37
C ASN A 170 -6.07 1.17 12.84
N PHE A 171 -6.33 2.19 13.66
CA PHE A 171 -5.29 3.04 14.25
C PHE A 171 -5.42 3.00 15.76
N GLY A 172 -4.32 2.69 16.42
CA GLY A 172 -4.27 2.81 17.87
C GLY A 172 -4.57 1.55 18.67
N PHE A 173 -4.96 0.45 18.00
CA PHE A 173 -5.31 -0.78 18.72
C PHE A 173 -5.15 -1.96 17.78
N ILE A 174 -4.95 -3.13 18.38
CA ILE A 174 -4.87 -4.39 17.66
C ILE A 174 -6.16 -5.16 17.94
N ASP A 175 -6.93 -5.44 16.89
CA ASP A 175 -8.21 -6.16 17.03
C ASP A 175 -7.93 -7.65 17.10
N THR A 176 -7.97 -8.20 18.31
CA THR A 176 -7.61 -9.60 18.51
C THR A 176 -8.64 -10.57 17.93
N THR A 177 -9.78 -10.06 17.43
CA THR A 177 -10.76 -10.91 16.75
C THR A 177 -10.55 -10.99 15.25
N ALA A 178 -9.58 -10.23 14.73
CA ALA A 178 -9.39 -10.08 13.28
C ALA A 178 -8.34 -11.03 12.69
N TYR A 179 -7.75 -11.87 13.53
CA TYR A 179 -6.74 -12.80 13.07
C TYR A 179 -6.86 -14.09 13.84
N THR A 180 -6.21 -15.12 13.32
CA THR A 180 -6.14 -16.44 13.95
C THR A 180 -4.71 -16.71 14.42
N GLY A 181 -4.58 -17.53 15.44
CA GLY A 181 -3.27 -17.84 15.99
C GLY A 181 -2.59 -16.62 16.58
N SER A 182 -1.26 -16.61 16.50
N SER A 182 -1.25 -16.62 16.49
CA SER A 182 -0.45 -15.56 17.12
CA SER A 182 -0.42 -15.57 17.05
C SER A 182 0.22 -14.67 16.06
C SER A 182 0.06 -14.59 15.99
N ILE A 183 0.49 -13.42 16.44
CA ILE A 183 1.15 -12.45 15.59
C ILE A 183 2.65 -12.66 15.76
N THR A 184 3.37 -12.80 14.68
CA THR A 184 4.83 -12.90 14.71
C THR A 184 5.42 -11.55 14.32
N TYR A 185 6.22 -10.99 15.21
CA TYR A 185 6.87 -9.70 15.00
C TYR A 185 8.29 -9.87 14.49
N THR A 186 8.70 -8.92 13.65
CA THR A 186 10.02 -8.96 13.03
C THR A 186 10.55 -7.52 12.94
N ALA A 187 11.88 -7.39 12.98
CA ALA A 187 12.52 -6.09 13.05
C ALA A 187 12.32 -5.27 11.78
N VAL A 188 12.23 -3.95 11.95
CA VAL A 188 12.13 -3.00 10.86
C VAL A 188 13.36 -2.10 10.85
N SER A 189 13.87 -1.84 9.64
CA SER A 189 14.84 -0.79 9.39
C SER A 189 14.14 0.42 8.78
N THR A 190 14.36 1.61 9.35
CA THR A 190 13.82 2.85 8.81
C THR A 190 14.86 3.61 7.99
N LYS A 191 16.01 2.98 7.73
CA LYS A 191 17.11 3.69 7.08
C LYS A 191 16.76 4.27 5.71
N GLN A 192 15.84 3.63 4.98
CA GLN A 192 15.41 4.12 3.68
C GLN A 192 14.02 4.79 3.75
N GLY A 193 13.47 4.94 4.96
CA GLY A 193 12.16 5.53 5.15
C GLY A 193 10.96 4.64 4.98
N PHE A 194 11.20 3.35 4.74
CA PHE A 194 10.13 2.38 4.48
C PHE A 194 9.94 1.45 5.67
N TRP A 195 8.83 0.71 5.65
CA TRP A 195 8.62 -0.40 6.57
C TRP A 195 9.40 -1.60 6.00
N GLU A 196 10.72 -1.57 6.20
CA GLU A 196 11.66 -2.51 5.59
C GLU A 196 12.02 -3.61 6.58
N TRP A 197 11.93 -4.84 6.14
CA TRP A 197 12.10 -5.99 7.00
C TRP A 197 12.76 -7.09 6.18
N THR A 198 13.08 -8.21 6.85
CA THR A 198 13.75 -9.33 6.19
C THR A 198 12.96 -10.62 6.40
N SER A 199 12.38 -11.09 5.31
CA SER A 199 11.71 -12.40 5.31
C SER A 199 12.76 -13.51 5.45
N THR A 200 12.38 -14.59 6.10
CA THR A 200 13.30 -15.71 6.37
C THR A 200 13.28 -16.81 5.29
N GLY A 201 12.46 -16.65 4.25
CA GLY A 201 12.51 -17.59 3.15
C GLY A 201 11.18 -17.81 2.47
N TYR A 202 11.10 -18.85 1.66
CA TYR A 202 9.91 -19.11 0.88
C TYR A 202 9.72 -20.57 0.53
N ALA A 203 8.47 -20.88 0.16
CA ALA A 203 8.17 -22.18 -0.49
C ALA A 203 7.22 -21.95 -1.65
N VAL A 204 7.29 -22.84 -2.63
CA VAL A 204 6.39 -22.84 -3.78
C VAL A 204 5.46 -24.03 -3.64
N GLY A 205 4.16 -23.76 -3.58
CA GLY A 205 3.18 -24.83 -3.43
C GLY A 205 3.49 -25.70 -2.24
N SER A 206 3.49 -27.01 -2.45
CA SER A 206 3.75 -27.96 -1.38
CA SER A 206 3.75 -27.96 -1.37
C SER A 206 5.23 -28.31 -1.26
N GLY A 207 6.08 -27.54 -1.93
CA GLY A 207 7.51 -27.78 -1.88
C GLY A 207 8.19 -27.45 -0.56
N THR A 208 9.45 -27.85 -0.43
CA THR A 208 10.15 -27.59 0.81
CA THR A 208 10.22 -27.60 0.77
C THR A 208 10.46 -26.10 0.95
N PHE A 209 10.54 -25.67 2.19
CA PHE A 209 10.86 -24.29 2.50
C PHE A 209 12.35 -24.05 2.32
N LYS A 210 12.64 -22.98 1.59
CA LYS A 210 14.00 -22.53 1.37
C LYS A 210 14.30 -21.39 2.32
N SER A 211 15.24 -21.64 3.25
CA SER A 211 15.66 -20.63 4.21
C SER A 211 16.64 -19.70 3.53
N THR A 212 16.27 -18.43 3.40
CA THR A 212 17.07 -17.43 2.72
C THR A 212 16.54 -16.07 3.10
N SER A 213 17.42 -15.12 3.35
CA SER A 213 17.01 -13.78 3.76
C SER A 213 16.58 -12.95 2.57
N ILE A 214 15.38 -12.41 2.64
CA ILE A 214 14.86 -11.53 1.59
C ILE A 214 14.45 -10.20 2.20
N ASP A 215 15.27 -9.19 1.99
CA ASP A 215 14.98 -7.83 2.45
CA ASP A 215 14.99 -7.83 2.46
C ASP A 215 13.97 -7.18 1.55
N GLY A 216 12.92 -6.60 2.12
CA GLY A 216 11.94 -5.93 1.31
C GLY A 216 11.06 -5.02 2.14
N ILE A 217 10.09 -4.38 1.48
CA ILE A 217 9.24 -3.40 2.14
C ILE A 217 7.78 -3.87 2.16
N ALA A 218 7.07 -3.56 3.23
CA ALA A 218 5.64 -3.81 3.29
C ALA A 218 4.95 -2.59 2.69
N ASP A 219 4.33 -2.76 1.52
CA ASP A 219 3.83 -1.62 0.72
C ASP A 219 2.38 -1.82 0.27
N THR A 220 1.44 -1.25 1.01
CA THR A 220 0.03 -1.37 0.66
C THR A 220 -0.32 -0.64 -0.64
N GLY A 221 0.53 0.26 -1.09
CA GLY A 221 0.30 0.99 -2.32
C GLY A 221 0.85 0.34 -3.60
N THR A 222 1.40 -0.85 -3.48
CA THR A 222 1.85 -1.63 -4.62
C THR A 222 0.94 -2.86 -4.74
N THR A 223 0.47 -3.15 -5.95
CA THR A 223 -0.48 -4.23 -6.12
C THR A 223 0.14 -5.61 -5.90
N LEU A 224 1.29 -5.83 -6.54
CA LEU A 224 1.86 -7.16 -6.70
C LEU A 224 2.99 -7.44 -5.70
N LEU A 225 3.48 -8.67 -5.76
CA LEU A 225 4.62 -9.13 -4.96
C LEU A 225 5.84 -9.20 -5.86
N TYR A 226 6.86 -8.38 -5.56
CA TYR A 226 8.08 -8.28 -6.35
C TYR A 226 9.23 -8.84 -5.53
N LEU A 227 9.82 -9.91 -6.07
CA LEU A 227 10.86 -10.66 -5.36
C LEU A 227 12.06 -10.94 -6.28
N PRO A 228 13.18 -11.42 -5.71
CA PRO A 228 14.37 -11.63 -6.55
C PRO A 228 14.07 -12.60 -7.69
N ALA A 229 14.80 -12.43 -8.79
CA ALA A 229 14.57 -13.21 -10.00
C ALA A 229 14.71 -14.72 -9.75
N THR A 230 15.61 -15.13 -8.86
CA THR A 230 15.76 -16.54 -8.53
C THR A 230 14.46 -17.12 -7.96
N VAL A 231 13.88 -16.39 -7.01
CA VAL A 231 12.67 -16.83 -6.32
C VAL A 231 11.51 -16.89 -7.30
N VAL A 232 11.38 -15.86 -8.12
CA VAL A 232 10.26 -15.76 -9.04
C VAL A 232 10.35 -16.82 -10.14
N SER A 233 11.57 -17.08 -10.62
CA SER A 233 11.78 -18.16 -11.59
C SER A 233 11.38 -19.52 -11.00
N ALA A 234 11.75 -19.75 -9.73
CA ALA A 234 11.38 -21.01 -9.08
C ALA A 234 9.86 -21.18 -8.98
N TYR A 235 9.15 -20.08 -8.71
CA TYR A 235 7.70 -20.12 -8.63
C TYR A 235 7.10 -20.47 -10.01
N TRP A 236 7.44 -19.69 -11.03
CA TRP A 236 6.78 -19.84 -12.32
C TRP A 236 7.18 -21.13 -13.05
N ALA A 237 8.32 -21.70 -12.68
CA ALA A 237 8.72 -22.99 -13.24
C ALA A 237 7.73 -24.09 -12.91
N GLN A 238 6.90 -23.88 -11.88
CA GLN A 238 5.91 -24.86 -11.49
C GLN A 238 4.56 -24.67 -12.17
N VAL A 239 4.50 -23.76 -13.13
CA VAL A 239 3.26 -23.47 -13.84
C VAL A 239 3.49 -23.76 -15.33
N SER A 240 2.81 -24.77 -15.87
CA SER A 240 3.04 -25.15 -17.26
CA SER A 240 3.01 -25.15 -17.27
C SER A 240 2.67 -24.02 -18.21
N GLY A 241 3.62 -23.67 -19.05
CA GLY A 241 3.42 -22.62 -20.03
C GLY A 241 3.73 -21.22 -19.55
N ALA A 242 4.10 -21.05 -18.29
CA ALA A 242 4.42 -19.71 -17.79
C ALA A 242 5.76 -19.23 -18.36
N LYS A 243 5.87 -17.93 -18.62
CA LYS A 243 7.09 -17.35 -19.16
C LYS A 243 7.12 -15.87 -18.87
N SER A 244 8.30 -15.29 -18.90
CA SER A 244 8.43 -13.85 -18.79
C SER A 244 8.37 -13.28 -20.19
N SER A 245 7.50 -12.30 -20.38
CA SER A 245 7.27 -11.64 -21.65
C SER A 245 7.71 -10.16 -21.58
N SER A 246 8.70 -9.81 -22.39
CA SER A 246 9.15 -8.42 -22.40
C SER A 246 8.10 -7.50 -23.04
N SER A 247 7.33 -8.03 -23.97
CA SER A 247 6.26 -7.24 -24.60
C SER A 247 5.12 -6.92 -23.63
N VAL A 248 4.78 -7.85 -22.75
CA VAL A 248 3.73 -7.62 -21.76
C VAL A 248 4.27 -6.89 -20.54
N GLY A 249 5.51 -7.16 -20.18
CA GLY A 249 6.13 -6.52 -19.04
C GLY A 249 6.23 -7.37 -17.79
N GLY A 250 6.26 -8.69 -17.95
CA GLY A 250 6.47 -9.58 -16.83
C GLY A 250 6.01 -11.00 -17.13
N TYR A 251 5.91 -11.79 -16.10
CA TYR A 251 5.44 -13.15 -16.19
C TYR A 251 3.96 -13.23 -16.52
N VAL A 252 3.67 -14.08 -17.49
CA VAL A 252 2.33 -14.42 -17.92
C VAL A 252 2.21 -15.93 -17.88
N PHE A 253 0.99 -16.41 -17.86
CA PHE A 253 0.75 -17.84 -17.80
C PHE A 253 -0.58 -18.15 -18.49
N PRO A 254 -0.78 -19.40 -18.90
CA PRO A 254 -2.04 -19.75 -19.56
C PRO A 254 -3.20 -19.62 -18.59
N CYS A 255 -4.27 -18.95 -19.00
CA CYS A 255 -5.37 -18.76 -18.08
C CYS A 255 -6.03 -20.07 -17.65
N SER A 256 -5.75 -21.15 -18.36
CA SER A 256 -6.26 -22.47 -17.98
C SER A 256 -5.50 -23.11 -16.82
N ALA A 257 -4.39 -22.51 -16.39
CA ALA A 257 -3.59 -23.08 -15.31
C ALA A 257 -4.25 -22.98 -13.93
N THR A 258 -3.90 -23.92 -13.08
CA THR A 258 -4.13 -23.76 -11.64
C THR A 258 -2.83 -23.37 -10.95
N LEU A 259 -2.80 -22.24 -10.29
CA LEU A 259 -1.55 -21.73 -9.72
C LEU A 259 -1.26 -22.34 -8.35
N PRO A 260 0.01 -22.64 -8.09
CA PRO A 260 0.36 -23.05 -6.74
C PRO A 260 0.35 -21.87 -5.77
N SER A 261 0.21 -22.19 -4.50
CA SER A 261 0.39 -21.19 -3.43
C SER A 261 1.85 -20.77 -3.36
N PHE A 262 2.08 -19.67 -2.63
CA PHE A 262 3.43 -19.19 -2.35
C PHE A 262 3.50 -18.87 -0.87
N THR A 263 4.48 -19.45 -0.16
CA THR A 263 4.66 -19.19 1.27
C THR A 263 5.86 -18.30 1.49
N PHE A 264 5.73 -17.28 2.35
CA PHE A 264 6.88 -16.50 2.80
C PHE A 264 7.06 -16.61 4.31
N GLY A 265 8.33 -16.56 4.72
CA GLY A 265 8.64 -16.65 6.14
C GLY A 265 8.68 -15.31 6.86
N VAL A 266 8.18 -15.33 8.10
CA VAL A 266 8.27 -14.21 9.02
C VAL A 266 8.81 -14.85 10.28
N GLY A 267 10.11 -14.67 10.53
CA GLY A 267 10.74 -15.43 11.60
C GLY A 267 10.49 -16.92 11.35
N SER A 268 10.05 -17.64 12.40
CA SER A 268 9.71 -19.06 12.25
C SER A 268 8.28 -19.28 11.75
N ALA A 269 7.52 -18.21 11.57
CA ALA A 269 6.17 -18.30 11.04
C ALA A 269 6.15 -18.35 9.52
N ARG A 270 5.01 -18.76 8.99
CA ARG A 270 4.83 -18.94 7.55
C ARG A 270 3.49 -18.37 7.14
N ILE A 271 3.48 -17.46 6.18
CA ILE A 271 2.27 -16.88 5.63
C ILE A 271 2.07 -17.48 4.25
N VAL A 272 0.89 -18.07 4.02
CA VAL A 272 0.60 -18.73 2.75
C VAL A 272 -0.32 -17.87 1.89
N ILE A 273 0.17 -17.50 0.72
CA ILE A 273 -0.62 -16.81 -0.29
C ILE A 273 -1.27 -17.84 -1.20
N PRO A 274 -2.61 -17.96 -1.17
CA PRO A 274 -3.26 -18.95 -2.06
C PRO A 274 -2.97 -18.66 -3.53
N GLY A 275 -2.91 -19.72 -4.34
CA GLY A 275 -2.69 -19.54 -5.77
C GLY A 275 -3.66 -18.58 -6.41
N ASP A 276 -4.93 -18.63 -5.99
CA ASP A 276 -5.89 -17.73 -6.59
C ASP A 276 -5.49 -16.26 -6.46
N TYR A 277 -4.79 -15.90 -5.40
CA TYR A 277 -4.41 -14.51 -5.19
C TYR A 277 -3.38 -14.02 -6.20
N ILE A 278 -2.71 -14.97 -6.85
CA ILE A 278 -1.59 -14.70 -7.74
C ILE A 278 -2.07 -14.57 -9.19
N ASP A 279 -3.36 -14.84 -9.43
CA ASP A 279 -3.94 -14.74 -10.76
C ASP A 279 -4.51 -13.33 -10.98
N PHE A 280 -3.87 -12.53 -11.84
CA PHE A 280 -4.38 -11.21 -12.15
C PHE A 280 -5.13 -11.11 -13.46
N GLY A 281 -5.52 -12.25 -13.98
CA GLY A 281 -6.46 -12.31 -15.07
C GLY A 281 -5.90 -11.96 -16.42
N PRO A 282 -6.76 -11.96 -17.44
CA PRO A 282 -6.30 -11.77 -18.82
C PRO A 282 -5.48 -10.49 -18.99
N ILE A 283 -4.42 -10.57 -19.80
CA ILE A 283 -3.55 -9.43 -20.03
C ILE A 283 -4.29 -8.29 -20.72
N SER A 284 -5.30 -8.65 -21.51
CA SER A 284 -6.20 -7.71 -22.19
C SER A 284 -7.52 -8.43 -22.28
N THR A 285 -8.61 -7.70 -22.45
CA THR A 285 -9.96 -8.30 -22.47
C THR A 285 -10.03 -9.44 -23.47
N GLY A 286 -10.48 -10.61 -23.01
CA GLY A 286 -10.68 -11.74 -23.89
C GLY A 286 -9.45 -12.59 -24.13
N SER A 287 -8.28 -12.19 -23.62
CA SER A 287 -7.06 -12.98 -23.83
C SER A 287 -7.08 -14.26 -23.02
N SER A 288 -6.42 -15.28 -23.56
CA SER A 288 -6.17 -16.53 -22.82
C SER A 288 -4.80 -16.54 -22.14
N SER A 289 -4.08 -15.42 -22.21
CA SER A 289 -2.85 -15.22 -21.44
CA SER A 289 -2.83 -15.20 -21.47
C SER A 289 -3.18 -14.37 -20.24
N CYS A 290 -2.77 -14.84 -19.06
CA CYS A 290 -3.07 -14.20 -17.79
C CYS A 290 -1.80 -13.63 -17.16
N PHE A 291 -1.96 -12.55 -16.41
CA PHE A 291 -0.82 -11.86 -15.82
C PHE A 291 -0.54 -12.35 -14.40
N GLY A 292 0.72 -12.63 -14.11
CA GLY A 292 1.08 -13.10 -12.80
C GLY A 292 1.17 -12.06 -11.71
N GLY A 293 0.82 -12.50 -10.49
CA GLY A 293 0.85 -11.62 -9.33
C GLY A 293 2.15 -11.60 -8.56
N ILE A 294 3.08 -12.48 -8.94
CA ILE A 294 4.45 -12.50 -8.45
C ILE A 294 5.36 -12.16 -9.63
N GLN A 295 6.16 -11.12 -9.46
CA GLN A 295 6.99 -10.56 -10.51
C GLN A 295 8.40 -10.31 -9.98
N SER A 296 9.35 -10.21 -10.90
CA SER A 296 10.73 -9.93 -10.51
C SER A 296 10.93 -8.50 -10.06
N SER A 297 11.72 -8.34 -8.99
CA SER A 297 12.13 -7.03 -8.51
C SER A 297 13.44 -6.55 -9.16
N ALA A 298 14.02 -7.35 -10.05
N ALA A 298 13.98 -7.33 -10.11
CA ALA A 298 15.28 -6.95 -10.69
CA ALA A 298 15.31 -7.06 -10.63
C ALA A 298 14.99 -5.73 -11.55
C ALA A 298 15.48 -5.66 -11.22
N GLY A 299 15.73 -4.65 -11.32
N GLY A 299 14.45 -5.10 -11.85
CA GLY A 299 15.49 -3.42 -12.04
CA GLY A 299 14.54 -3.79 -12.46
C GLY A 299 14.72 -2.44 -11.18
C GLY A 299 14.11 -2.62 -11.56
N ILE A 300 13.84 -2.92 -10.29
CA ILE A 300 13.21 -1.99 -9.34
C ILE A 300 14.18 -1.51 -8.29
N GLY A 301 15.08 -2.39 -7.88
CA GLY A 301 16.08 -2.06 -6.87
C GLY A 301 15.68 -2.39 -5.44
N ILE A 302 14.46 -2.87 -5.23
CA ILE A 302 14.00 -3.25 -3.91
C ILE A 302 12.93 -4.34 -4.05
N ASN A 303 12.90 -5.27 -3.10
CA ASN A 303 11.82 -6.23 -3.05
C ASN A 303 10.59 -5.61 -2.40
N ILE A 304 9.41 -5.92 -2.89
CA ILE A 304 8.19 -5.29 -2.42
C ILE A 304 7.12 -6.31 -2.10
N PHE A 305 6.76 -6.37 -0.82
CA PHE A 305 5.64 -7.15 -0.35
C PHE A 305 4.40 -6.24 -0.50
N GLY A 306 3.82 -6.30 -1.69
CA GLY A 306 2.63 -5.53 -1.99
C GLY A 306 1.35 -6.25 -1.60
N ASP A 307 0.24 -5.76 -2.14
CA ASP A 307 -1.08 -6.22 -1.72
C ASP A 307 -1.28 -7.73 -1.84
N VAL A 308 -0.74 -8.35 -2.90
CA VAL A 308 -0.83 -9.80 -3.08
C VAL A 308 -0.37 -10.55 -1.83
N ALA A 309 0.74 -10.10 -1.24
CA ALA A 309 1.23 -10.72 -0.02
C ALA A 309 0.50 -10.24 1.21
N LEU A 310 0.33 -8.93 1.33
CA LEU A 310 -0.22 -8.39 2.56
C LEU A 310 -1.65 -8.82 2.81
N LYS A 311 -2.45 -8.99 1.73
N LYS A 311 -2.46 -8.99 1.74
CA LYS A 311 -3.85 -9.38 1.90
CA LYS A 311 -3.86 -9.36 1.96
C LYS A 311 -4.00 -10.79 2.50
C LYS A 311 -4.03 -10.82 2.42
N ALA A 312 -2.96 -11.61 2.40
CA ALA A 312 -2.99 -12.96 2.97
C ALA A 312 -2.79 -12.95 4.49
N ALA A 313 -2.56 -11.77 5.08
CA ALA A 313 -2.23 -11.66 6.50
C ALA A 313 -3.00 -10.51 7.17
N PHE A 314 -2.98 -10.53 8.49
CA PHE A 314 -3.33 -9.39 9.32
C PHE A 314 -1.95 -8.79 9.68
N VAL A 315 -1.73 -7.52 9.35
CA VAL A 315 -0.40 -6.93 9.43
C VAL A 315 -0.40 -5.74 10.39
N VAL A 316 0.48 -5.80 11.36
CA VAL A 316 0.66 -4.77 12.37
C VAL A 316 1.88 -3.91 12.05
N PHE A 317 1.65 -2.62 11.87
CA PHE A 317 2.70 -1.63 11.67
C PHE A 317 2.92 -0.95 13.03
N ASN A 318 3.94 -1.41 13.75
CA ASN A 318 4.21 -0.92 15.09
C ASN A 318 5.19 0.25 15.04
N GLY A 319 4.69 1.45 15.28
CA GLY A 319 5.46 2.70 15.22
C GLY A 319 5.97 3.16 16.57
N ALA A 320 6.18 2.23 17.49
CA ALA A 320 6.89 2.53 18.73
C ALA A 320 8.32 2.99 18.44
N THR A 321 9.01 3.43 19.48
CA THR A 321 10.35 3.94 19.33
C THR A 321 11.27 2.98 18.59
N THR A 322 11.15 1.70 18.90
CA THR A 322 11.77 0.66 18.09
C THR A 322 10.68 0.05 17.22
N PRO A 323 10.63 0.42 15.94
CA PRO A 323 9.50 -0.09 15.13
C PRO A 323 9.64 -1.55 14.77
N THR A 324 8.50 -2.23 14.61
CA THR A 324 8.48 -3.61 14.17
C THR A 324 7.25 -3.83 13.29
N LEU A 325 7.25 -4.95 12.59
CA LEU A 325 6.11 -5.41 11.79
CA LEU A 325 6.17 -5.40 11.75
C LEU A 325 5.66 -6.73 12.31
N GLY A 326 4.35 -6.89 12.44
CA GLY A 326 3.75 -8.16 12.85
C GLY A 326 2.88 -8.75 11.77
N PHE A 327 2.95 -10.06 11.62
CA PHE A 327 2.11 -10.79 10.66
C PHE A 327 1.39 -11.94 11.36
N ALA A 328 0.09 -12.05 11.10
CA ALA A 328 -0.70 -13.19 11.54
C ALA A 328 -1.53 -13.73 10.39
N SER A 329 -1.83 -15.02 10.46
N SER A 329 -1.83 -15.02 10.44
CA SER A 329 -2.83 -15.61 9.58
CA SER A 329 -2.80 -15.59 9.52
C SER A 329 -4.21 -15.03 9.91
C SER A 329 -4.22 -15.19 9.95
N LYS A 330 -5.17 -15.26 9.01
CA LYS A 330 -6.52 -14.79 9.25
C LYS A 330 -7.51 -15.59 8.44
#